data_1ELH
#
_entry.id   1ELH
#
_cell.length_a   1.000
_cell.length_b   1.000
_cell.length_c   1.000
_cell.angle_alpha   90.00
_cell.angle_beta   90.00
_cell.angle_gamma   90.00
#
_symmetry.space_group_name_H-M   'P 1'
#
loop_
_entity.id
_entity.type
_entity.pdbx_description
1 polymer "RNA (5'-R(*UP*UP*GP*CP*CP*UP*GP*GP*CP*GP*GP*C)-3')"
2 polymer "RNA (5'-R(*AP*AP*CP*UP*GP*CP*CP*AP*GP*GP*CP*AP*U)-3')"
#
loop_
_entity_poly.entity_id
_entity_poly.type
_entity_poly.pdbx_seq_one_letter_code
_entity_poly.pdbx_strand_id
1 'polyribonucleotide' UUGCCUGGCGGC A
2 'polyribonucleotide' AACUGCCAGGCAU B
#